data_5OXN
#
_entry.id   5OXN
#
_cell.length_a   100.800
_cell.length_b   107.900
_cell.length_c   109.800
_cell.angle_alpha   90.00
_cell.angle_beta   90.00
_cell.angle_gamma   90.00
#
_symmetry.space_group_name_H-M   'C 2 2 21'
#
loop_
_entity.id
_entity.type
_entity.pdbx_description
1 polymer 'Di-or tripeptide:H+ symporter'
2 non-polymer 'PHOSPHATE ION'
3 non-polymer 'SODIUM ION'
4 non-polymer (2R)-2,3-DIHYDROXYPROPYL(7Z)-PENTADEC-7-ENOATE
5 non-polymer (2S)-2,3-DIHYDROXYPROPYL(7Z)-PENTADEC-7-ENOATE
6 non-polymer PHENYLALANINE
7 non-polymer ALANINE
8 water water
#
_entity_poly.entity_id   1
_entity_poly.type   'polypeptide(L)'
_entity_poly.pdbx_seq_one_letter_code
;MEDKGKTFFGQPLGLSTLFMTEMWERFSYYGMRAILLYYMWFLISTGDLHITRATAASIMAIYASMVYLSGTIGGFVADR
IIGARPAVFWGGVLIMLGHIVLALPFGASALFGSIILIIIGTGFLKPNVSTLVGTLYDEHDRRRDAGFSIFVFGINLGAF
IAPLIVGAAQEAAGYHVAFSLAAIGMFIGLLVYYFGGKKTLDPHYLRPTDPLAPEEVKPLLVKVSLAVAGFIAIIVVMNL
VGWNSLPAYINLLTIVAIAIPVFYFAWMISSVKVTSTEHLRVVSYIPLFIAAVLFWAIEEQGSVVLATFAAERVDSSWFP
VSWFQSLNPLFIMLYTPFFAWLWTAWKKNQPSSPTKFAVGLMFAGLSFLLMAIPGALYGTSGKVSPLWLVGSWALVILGE
MLISPVGLSVTTKLAPKAFNSQMMSMWFLSSSVGSALNAQLVTLYNAKSEVAYFSYFGLGSVVLGIVLVFLSKRIQGLMQ
GVEAENLYFQ
;
_entity_poly.pdbx_strand_id   A
#
loop_
_chem_comp.id
_chem_comp.type
_chem_comp.name
_chem_comp.formula
78M non-polymer (2S)-2,3-DIHYDROXYPROPYL(7Z)-PENTADEC-7-ENOATE 'C18 H34 O4'
78N non-polymer (2R)-2,3-DIHYDROXYPROPYL(7Z)-PENTADEC-7-ENOATE 'C18 H34 O4'
NA non-polymer 'SODIUM ION' 'Na 1'
PO4 non-polymer 'PHOSPHATE ION' 'O4 P -3'
#
# COMPACT_ATOMS: atom_id res chain seq x y z
N GLY A 5 23.59 24.90 -10.16
CA GLY A 5 23.42 24.87 -11.60
C GLY A 5 22.44 23.81 -12.05
N LYS A 6 22.95 22.77 -12.70
CA LYS A 6 22.11 21.70 -13.20
C LYS A 6 21.49 20.89 -12.06
N THR A 7 20.17 20.83 -12.05
CA THR A 7 19.43 20.11 -11.01
C THR A 7 18.32 19.28 -11.64
N PHE A 8 17.69 18.43 -10.82
CA PHE A 8 16.47 17.77 -11.22
C PHE A 8 15.32 18.42 -10.46
N PHE A 9 14.66 19.37 -11.12
CA PHE A 9 13.60 20.17 -10.52
C PHE A 9 14.06 20.85 -9.24
N GLY A 10 15.27 21.41 -9.27
CA GLY A 10 15.81 22.12 -8.13
C GLY A 10 16.54 21.25 -7.13
N GLN A 11 16.53 19.94 -7.38
CA GLN A 11 17.09 18.96 -6.44
C GLN A 11 18.42 18.42 -6.94
N PRO A 12 19.20 17.77 -6.05
CA PRO A 12 20.41 17.09 -6.52
C PRO A 12 20.10 16.11 -7.65
N LEU A 13 21.00 16.02 -8.63
CA LEU A 13 20.78 15.19 -9.81
C LEU A 13 20.47 13.74 -9.48
N GLY A 14 21.01 13.28 -8.35
CA GLY A 14 20.77 11.91 -7.89
C GLY A 14 19.31 11.58 -7.66
N LEU A 15 18.47 12.59 -7.55
CA LEU A 15 17.05 12.36 -7.35
C LEU A 15 16.42 11.77 -8.60
N SER A 16 16.94 12.14 -9.77
CA SER A 16 16.42 11.63 -11.03
C SER A 16 16.53 10.11 -11.08
N THR A 17 17.65 9.58 -10.60
CA THR A 17 17.89 8.15 -10.56
C THR A 17 16.88 7.42 -9.67
N LEU A 18 16.71 7.93 -8.45
CA LEU A 18 15.81 7.32 -7.48
C LEU A 18 14.34 7.51 -7.88
N PHE A 19 14.05 8.68 -8.44
CA PHE A 19 12.73 8.99 -9.00
C PHE A 19 12.29 7.92 -10.00
N MET A 20 13.16 7.63 -10.97
CA MET A 20 12.86 6.66 -12.02
C MET A 20 12.90 5.23 -11.51
N THR A 21 13.83 4.96 -10.60
CA THR A 21 13.93 3.65 -9.95
C THR A 21 12.59 3.29 -9.34
N GLU A 22 12.05 4.21 -8.57
CA GLU A 22 10.81 3.98 -7.85
C GLU A 22 9.60 4.09 -8.77
N MET A 23 9.68 4.96 -9.78
CA MET A 23 8.63 5.06 -10.77
C MET A 23 8.41 3.71 -11.45
N TRP A 24 9.51 3.08 -11.84
CA TRP A 24 9.43 1.82 -12.57
C TRP A 24 9.12 0.65 -11.65
N GLU A 25 9.49 0.76 -10.38
CA GLU A 25 9.12 -0.26 -9.42
C GLU A 25 7.63 -0.19 -9.14
N ARG A 26 7.12 1.03 -8.96
CA ARG A 26 5.69 1.25 -8.76
C ARG A 26 4.92 0.88 -10.02
N PHE A 27 5.54 1.07 -11.18
CA PHE A 27 4.97 0.61 -12.44
C PHE A 27 4.75 -0.90 -12.39
N SER A 28 5.80 -1.62 -12.02
CA SER A 28 5.75 -3.07 -11.97
C SER A 28 4.72 -3.56 -10.97
N TYR A 29 4.68 -2.90 -9.81
CA TYR A 29 3.78 -3.30 -8.74
C TYR A 29 2.32 -3.08 -9.10
N TYR A 30 1.99 -1.86 -9.51
CA TYR A 30 0.60 -1.52 -9.77
C TYR A 30 0.12 -2.01 -11.12
N GLY A 31 1.06 -2.32 -12.01
CA GLY A 31 0.70 -3.00 -13.23
C GLY A 31 0.18 -4.38 -12.87
N MET A 32 0.89 -5.03 -11.96
CA MET A 32 0.51 -6.35 -11.44
C MET A 32 -0.82 -6.29 -10.69
N ARG A 33 -0.95 -5.31 -9.79
CA ARG A 33 -2.15 -5.16 -8.97
C ARG A 33 -3.40 -4.97 -9.84
N ALA A 34 -3.24 -4.27 -10.96
CA ALA A 34 -4.36 -3.91 -11.80
C ALA A 34 -4.97 -5.09 -12.55
N ILE A 35 -4.22 -6.19 -12.65
CA ILE A 35 -4.70 -7.34 -13.42
C ILE A 35 -4.69 -8.66 -12.64
N LEU A 36 -4.09 -8.65 -11.45
CA LEU A 36 -3.91 -9.90 -10.70
C LEU A 36 -5.24 -10.51 -10.25
N LEU A 37 -6.18 -9.67 -9.82
CA LEU A 37 -7.48 -10.15 -9.41
C LEU A 37 -8.21 -10.81 -10.57
N TYR A 38 -8.21 -10.12 -11.71
CA TYR A 38 -8.85 -10.63 -12.93
C TYR A 38 -8.15 -11.90 -13.40
N TYR A 39 -6.84 -11.96 -13.18
CA TYR A 39 -6.07 -13.15 -13.54
C TYR A 39 -6.53 -14.34 -12.72
N MET A 40 -6.76 -14.12 -11.42
CA MET A 40 -7.23 -15.16 -10.54
C MET A 40 -8.64 -15.58 -10.91
N TRP A 41 -9.47 -14.62 -11.34
CA TRP A 41 -10.79 -14.93 -11.87
C TRP A 41 -10.66 -15.85 -13.07
N PHE A 42 -9.73 -15.51 -13.96
CA PHE A 42 -9.49 -16.29 -15.16
C PHE A 42 -9.07 -17.71 -14.79
N LEU A 43 -8.14 -17.82 -13.85
CA LEU A 43 -7.67 -19.12 -13.38
C LEU A 43 -8.80 -19.91 -12.74
N ILE A 44 -9.70 -19.22 -12.04
CA ILE A 44 -10.86 -19.85 -11.45
C ILE A 44 -11.83 -20.33 -12.53
N SER A 45 -12.04 -19.48 -13.53
CA SER A 45 -13.02 -19.77 -14.58
C SER A 45 -12.63 -20.99 -15.42
N THR A 46 -11.33 -21.25 -15.50
CA THR A 46 -10.84 -22.39 -16.29
C THR A 46 -10.69 -23.65 -15.43
N GLY A 47 -11.01 -23.52 -14.15
CA GLY A 47 -10.92 -24.64 -13.23
C GLY A 47 -9.50 -24.91 -12.80
N ASP A 48 -8.60 -23.99 -13.10
CA ASP A 48 -7.20 -24.14 -12.74
C ASP A 48 -6.95 -23.77 -11.29
N LEU A 49 -7.65 -22.74 -10.82
CA LEU A 49 -7.53 -22.28 -9.44
C LEU A 49 -8.82 -22.58 -8.69
N HIS A 50 -8.74 -23.44 -7.68
CA HIS A 50 -9.93 -23.90 -6.97
C HIS A 50 -10.23 -23.07 -5.72
N ILE A 51 -10.52 -21.79 -5.94
CA ILE A 51 -10.97 -20.90 -4.88
C ILE A 51 -12.18 -20.12 -5.37
N THR A 52 -12.89 -19.48 -4.45
CA THR A 52 -13.99 -18.61 -4.82
C THR A 52 -13.45 -17.23 -5.22
N ARG A 53 -14.29 -16.43 -5.86
CA ARG A 53 -13.90 -15.06 -6.20
C ARG A 53 -13.69 -14.26 -4.93
N ALA A 54 -14.52 -14.54 -3.92
CA ALA A 54 -14.39 -13.90 -2.62
C ALA A 54 -13.01 -14.14 -2.03
N THR A 55 -12.54 -15.38 -2.10
CA THR A 55 -11.22 -15.74 -1.60
C THR A 55 -10.12 -15.07 -2.42
N ALA A 56 -10.34 -15.00 -3.74
CA ALA A 56 -9.41 -14.30 -4.63
C ALA A 56 -9.26 -12.85 -4.21
N ALA A 57 -10.39 -12.21 -3.91
CA ALA A 57 -10.41 -10.84 -3.41
C ALA A 57 -9.66 -10.74 -2.08
N SER A 58 -9.87 -11.73 -1.22
CA SER A 58 -9.21 -11.77 0.08
C SER A 58 -7.69 -11.88 -0.10
N ILE A 59 -7.26 -12.65 -1.09
CA ILE A 59 -5.85 -12.81 -1.40
C ILE A 59 -5.22 -11.48 -1.76
N MET A 60 -5.90 -10.72 -2.62
CA MET A 60 -5.44 -9.40 -3.03
C MET A 60 -5.15 -8.50 -1.83
N ALA A 61 -6.07 -8.50 -0.87
CA ALA A 61 -5.97 -7.64 0.30
C ALA A 61 -4.83 -8.07 1.23
N ILE A 62 -4.71 -9.37 1.48
CA ILE A 62 -3.69 -9.87 2.41
C ILE A 62 -2.31 -9.77 1.75
N TYR A 63 -2.30 -9.84 0.43
CA TYR A 63 -1.10 -9.64 -0.37
C TYR A 63 -0.56 -8.23 -0.10
N ALA A 64 -1.44 -7.26 -0.26
CA ALA A 64 -1.10 -5.86 0.01
C ALA A 64 -0.65 -5.66 1.45
N SER A 65 -1.37 -6.29 2.37
CA SER A 65 -1.05 -6.18 3.80
C SER A 65 0.37 -6.64 4.10
N MET A 66 0.76 -7.78 3.51
CA MET A 66 2.07 -8.35 3.74
C MET A 66 3.16 -7.52 3.06
N VAL A 67 2.84 -6.92 1.92
CA VAL A 67 3.77 -6.03 1.25
C VAL A 67 4.07 -4.80 2.13
N TYR A 68 3.04 -4.22 2.71
CA TYR A 68 3.20 -3.09 3.62
C TYR A 68 3.98 -3.49 4.87
N LEU A 69 3.63 -4.64 5.44
CA LEU A 69 4.31 -5.16 6.62
C LEU A 69 5.78 -5.43 6.35
N SER A 70 6.06 -6.04 5.20
CA SER A 70 7.42 -6.33 4.79
C SER A 70 8.25 -5.05 4.67
N GLY A 71 7.60 -3.97 4.27
CA GLY A 71 8.25 -2.68 4.11
C GLY A 71 8.73 -2.06 5.41
N THR A 72 8.12 -2.46 6.52
CA THR A 72 8.49 -1.93 7.82
C THR A 72 9.72 -2.65 8.38
N ILE A 73 10.20 -3.65 7.65
CA ILE A 73 11.31 -4.47 8.09
C ILE A 73 12.57 -4.26 7.25
N GLY A 74 12.36 -3.96 5.97
CA GLY A 74 13.45 -3.79 5.02
C GLY A 74 14.43 -2.69 5.40
N GLY A 75 13.94 -1.67 6.09
CA GLY A 75 14.79 -0.58 6.53
C GLY A 75 15.85 -1.08 7.49
N PHE A 76 15.43 -1.94 8.42
CA PHE A 76 16.33 -2.53 9.41
C PHE A 76 17.40 -3.38 8.75
N VAL A 77 16.99 -4.25 7.84
CA VAL A 77 17.90 -5.17 7.18
C VAL A 77 18.96 -4.42 6.39
N ALA A 78 18.55 -3.34 5.73
CA ALA A 78 19.49 -2.53 4.98
C ALA A 78 20.41 -1.74 5.92
N ASP A 79 19.83 -1.06 6.89
CA ASP A 79 20.61 -0.23 7.79
C ASP A 79 21.59 -1.03 8.66
N ARG A 80 21.24 -2.28 8.95
CA ARG A 80 22.02 -3.05 9.92
C ARG A 80 22.78 -4.23 9.33
N ILE A 81 22.40 -4.67 8.13
CA ILE A 81 22.99 -5.90 7.59
C ILE A 81 23.58 -5.77 6.19
N ILE A 82 22.77 -5.35 5.21
CA ILE A 82 23.24 -5.40 3.82
C ILE A 82 23.48 -4.05 3.14
N GLY A 83 23.03 -2.97 3.76
CA GLY A 83 23.17 -1.66 3.14
C GLY A 83 21.96 -1.28 2.33
N ALA A 84 21.68 0.02 2.24
CA ALA A 84 20.50 0.51 1.55
C ALA A 84 20.59 0.29 0.04
N ARG A 85 21.77 0.50 -0.52
CA ARG A 85 21.93 0.37 -1.97
C ARG A 85 21.83 -1.08 -2.46
N PRO A 86 22.44 -2.03 -1.74
CA PRO A 86 22.16 -3.42 -2.14
C PRO A 86 20.72 -3.86 -1.86
N ALA A 87 20.09 -3.28 -0.85
CA ALA A 87 18.71 -3.62 -0.52
C ALA A 87 17.78 -3.28 -1.67
N VAL A 88 17.96 -2.09 -2.22
CA VAL A 88 17.19 -1.63 -3.36
C VAL A 88 17.45 -2.51 -4.58
N PHE A 89 18.70 -2.85 -4.83
CA PHE A 89 19.05 -3.64 -6.00
C PHE A 89 18.45 -5.04 -5.92
N TRP A 90 18.78 -5.78 -4.87
CA TRP A 90 18.33 -7.16 -4.74
C TRP A 90 16.83 -7.21 -4.46
N GLY A 91 16.31 -6.17 -3.83
CA GLY A 91 14.87 -6.02 -3.69
C GLY A 91 14.23 -5.98 -5.06
N GLY A 92 14.80 -5.16 -5.94
CA GLY A 92 14.32 -5.05 -7.31
C GLY A 92 14.44 -6.34 -8.09
N VAL A 93 15.55 -7.05 -7.89
CA VAL A 93 15.76 -8.34 -8.54
C VAL A 93 14.66 -9.33 -8.16
N LEU A 94 14.33 -9.35 -6.87
CA LEU A 94 13.30 -10.24 -6.34
C LEU A 94 11.91 -9.87 -6.88
N ILE A 95 11.64 -8.57 -6.95
CA ILE A 95 10.40 -8.07 -7.52
C ILE A 95 10.27 -8.51 -8.98
N MET A 96 11.34 -8.36 -9.72
CA MET A 96 11.37 -8.72 -11.13
C MET A 96 11.13 -10.22 -11.31
N LEU A 97 11.79 -11.02 -10.48
CA LEU A 97 11.59 -12.46 -10.49
C LEU A 97 10.16 -12.81 -10.15
N GLY A 98 9.57 -12.05 -9.23
CA GLY A 98 8.18 -12.24 -8.85
C GLY A 98 7.23 -12.09 -10.03
N HIS A 99 7.51 -11.12 -10.90
CA HIS A 99 6.70 -10.90 -12.09
C HIS A 99 7.04 -11.92 -13.18
N ILE A 100 8.31 -12.28 -13.28
CA ILE A 100 8.75 -13.30 -14.24
C ILE A 100 8.04 -14.63 -13.99
N VAL A 101 7.87 -14.96 -12.70
CA VAL A 101 7.20 -16.20 -12.31
C VAL A 101 5.76 -16.25 -12.85
N LEU A 102 5.09 -15.10 -12.90
CA LEU A 102 3.73 -15.04 -13.42
C LEU A 102 3.69 -14.98 -14.94
N ALA A 103 4.83 -14.67 -15.56
CA ALA A 103 4.91 -14.60 -17.01
C ALA A 103 5.18 -15.98 -17.61
N LEU A 104 5.73 -16.86 -16.79
CA LEU A 104 6.05 -18.23 -17.20
C LEU A 104 4.77 -19.01 -17.49
N PRO A 105 4.87 -20.07 -18.32
CA PRO A 105 3.67 -20.82 -18.69
C PRO A 105 3.12 -21.69 -17.55
N PHE A 106 2.96 -21.10 -16.37
CA PHE A 106 2.29 -21.76 -15.28
C PHE A 106 0.93 -21.11 -15.05
N GLY A 107 0.12 -21.71 -14.18
CA GLY A 107 -1.15 -21.13 -13.82
C GLY A 107 -1.18 -20.78 -12.34
N ALA A 108 -2.11 -21.35 -11.62
CA ALA A 108 -2.29 -21.06 -10.20
C ALA A 108 -1.06 -21.42 -9.36
N SER A 109 -0.34 -22.47 -9.77
CA SER A 109 0.79 -22.98 -8.99
C SER A 109 1.93 -21.99 -8.83
N ALA A 110 1.93 -20.93 -9.65
CA ALA A 110 2.99 -19.95 -9.64
C ALA A 110 2.63 -18.73 -8.77
N LEU A 111 1.35 -18.62 -8.42
CA LEU A 111 0.84 -17.48 -7.67
C LEU A 111 1.58 -17.24 -6.35
N PHE A 112 1.77 -18.29 -5.55
CA PHE A 112 2.37 -18.14 -4.24
C PHE A 112 3.84 -17.71 -4.33
N GLY A 113 4.59 -18.37 -5.20
CA GLY A 113 6.00 -18.03 -5.40
C GLY A 113 6.15 -16.59 -5.82
N SER A 114 5.29 -16.15 -6.73
CA SER A 114 5.28 -14.76 -7.18
C SER A 114 4.99 -13.81 -6.03
N ILE A 115 3.97 -14.13 -5.24
CA ILE A 115 3.56 -13.30 -4.12
C ILE A 115 4.67 -13.14 -3.09
N ILE A 116 5.32 -14.26 -2.73
CA ILE A 116 6.42 -14.23 -1.77
C ILE A 116 7.59 -13.37 -2.25
N LEU A 117 7.98 -13.58 -3.50
CA LEU A 117 9.09 -12.83 -4.10
C LEU A 117 8.85 -11.33 -4.04
N ILE A 118 7.65 -10.91 -4.40
CA ILE A 118 7.31 -9.49 -4.45
C ILE A 118 7.16 -8.92 -3.04
N ILE A 119 6.63 -9.71 -2.12
CA ILE A 119 6.55 -9.29 -0.72
C ILE A 119 7.94 -9.01 -0.16
N ILE A 120 8.85 -9.96 -0.36
CA ILE A 120 10.22 -9.82 0.10
C ILE A 120 10.95 -8.71 -0.65
N GLY A 121 10.81 -8.73 -1.98
CA GLY A 121 11.44 -7.73 -2.82
C GLY A 121 11.03 -6.31 -2.50
N THR A 122 9.72 -6.07 -2.41
CA THR A 122 9.19 -4.74 -2.10
C THR A 122 9.61 -4.31 -0.70
N GLY A 123 9.62 -5.25 0.22
CA GLY A 123 10.05 -4.99 1.58
C GLY A 123 11.47 -4.46 1.63
N PHE A 124 12.32 -5.00 0.78
CA PHE A 124 13.71 -4.56 0.68
C PHE A 124 13.84 -3.21 0.00
N LEU A 125 13.11 -3.03 -1.10
CA LEU A 125 13.27 -1.87 -1.96
C LEU A 125 12.56 -0.62 -1.45
N LYS A 126 11.29 -0.77 -1.07
CA LYS A 126 10.44 0.39 -0.82
C LYS A 126 10.94 1.33 0.28
N PRO A 127 11.26 0.80 1.48
CA PRO A 127 11.71 1.76 2.48
C PRO A 127 13.08 2.35 2.17
N ASN A 128 13.87 1.64 1.37
CA ASN A 128 15.28 1.98 1.19
C ASN A 128 15.57 2.93 0.03
N VAL A 129 14.70 2.96 -0.97
CA VAL A 129 14.81 4.00 -2.00
C VAL A 129 14.48 5.32 -1.34
N SER A 130 13.47 5.30 -0.47
CA SER A 130 13.11 6.46 0.32
C SER A 130 14.28 6.93 1.18
N THR A 131 14.97 5.98 1.81
CA THR A 131 16.15 6.28 2.61
C THR A 131 17.22 6.97 1.76
N LEU A 132 17.45 6.44 0.56
CA LEU A 132 18.48 6.95 -0.33
C LEU A 132 18.18 8.36 -0.81
N VAL A 133 16.89 8.69 -0.94
CA VAL A 133 16.48 10.05 -1.29
C VAL A 133 16.96 11.03 -0.23
N GLY A 134 16.82 10.64 1.03
CA GLY A 134 17.27 11.45 2.14
C GLY A 134 18.76 11.71 2.12
N THR A 135 19.52 10.72 1.65
CA THR A 135 20.98 10.79 1.64
C THR A 135 21.50 11.80 0.63
N LEU A 136 20.63 12.26 -0.26
CA LEU A 136 20.99 13.26 -1.25
C LEU A 136 21.15 14.63 -0.60
N TYR A 137 20.59 14.78 0.59
CA TYR A 137 20.52 16.08 1.26
C TYR A 137 21.34 16.14 2.54
N ASP A 138 21.99 17.28 2.77
CA ASP A 138 22.58 17.58 4.06
C ASP A 138 21.46 17.76 5.08
N GLU A 139 21.82 17.80 6.36
CA GLU A 139 20.85 17.97 7.42
C GLU A 139 20.11 19.30 7.30
N HIS A 140 20.86 20.35 6.96
CA HIS A 140 20.30 21.69 6.93
C HIS A 140 19.68 22.05 5.59
N ASP A 141 19.65 21.10 4.66
CA ASP A 141 19.16 21.39 3.32
C ASP A 141 17.64 21.58 3.30
N ARG A 142 17.22 22.80 2.97
CA ARG A 142 15.82 23.20 2.96
C ARG A 142 15.04 22.52 1.82
N ARG A 143 15.76 21.94 0.87
CA ARG A 143 15.15 21.34 -0.31
C ARG A 143 14.57 19.95 -0.04
N ARG A 144 14.86 19.38 1.13
CA ARG A 144 14.50 18.00 1.44
C ARG A 144 13.01 17.69 1.24
N ASP A 145 12.15 18.58 1.71
CA ASP A 145 10.70 18.40 1.56
C ASP A 145 10.29 18.42 0.09
N ALA A 146 10.84 19.37 -0.66
CA ALA A 146 10.57 19.48 -2.09
C ALA A 146 10.99 18.21 -2.82
N GLY A 147 12.19 17.73 -2.50
CA GLY A 147 12.73 16.54 -3.13
C GLY A 147 11.88 15.31 -2.92
N PHE A 148 11.37 15.14 -1.70
CA PHE A 148 10.50 14.02 -1.39
C PHE A 148 9.14 14.18 -2.07
N SER A 149 8.70 15.42 -2.25
CA SER A 149 7.46 15.70 -2.94
C SER A 149 7.57 15.31 -4.41
N ILE A 150 8.74 15.53 -4.99
CA ILE A 150 9.02 15.16 -6.38
C ILE A 150 9.17 13.65 -6.50
N PHE A 151 9.82 13.06 -5.49
CA PHE A 151 9.97 11.61 -5.40
C PHE A 151 8.61 10.92 -5.39
N VAL A 152 7.69 11.45 -4.59
CA VAL A 152 6.33 10.92 -4.48
C VAL A 152 5.59 11.07 -5.81
N PHE A 153 5.88 12.14 -6.54
CA PHE A 153 5.28 12.32 -7.87
C PHE A 153 5.68 11.19 -8.80
N GLY A 154 6.93 10.76 -8.70
CA GLY A 154 7.43 9.66 -9.49
C GLY A 154 6.72 8.36 -9.14
N ILE A 155 6.44 8.18 -7.85
CA ILE A 155 5.69 7.05 -7.37
C ILE A 155 4.30 7.00 -8.00
N ASN A 156 3.60 8.12 -7.93
CA ASN A 156 2.26 8.22 -8.48
C ASN A 156 2.25 8.09 -10.00
N LEU A 157 3.29 8.61 -10.64
CA LEU A 157 3.41 8.55 -12.09
C LEU A 157 3.49 7.10 -12.57
N GLY A 158 4.32 6.30 -11.89
CA GLY A 158 4.46 4.90 -12.22
C GLY A 158 3.16 4.15 -11.94
N ALA A 159 2.54 4.47 -10.80
CA ALA A 159 1.26 3.88 -10.43
C ALA A 159 0.19 4.25 -11.45
N PHE A 160 0.36 5.39 -12.11
CA PHE A 160 -0.64 5.87 -13.07
C PHE A 160 -0.55 5.19 -14.43
N ILE A 161 0.66 5.09 -14.98
CA ILE A 161 0.81 4.58 -16.34
C ILE A 161 0.75 3.06 -16.42
N ALA A 162 1.02 2.41 -15.30
CA ALA A 162 1.09 0.95 -15.27
C ALA A 162 -0.24 0.25 -15.64
N PRO A 163 -1.37 0.64 -15.02
CA PRO A 163 -2.61 -0.04 -15.42
C PRO A 163 -2.98 0.22 -16.86
N LEU A 164 -2.64 1.42 -17.35
CA LEU A 164 -2.90 1.78 -18.75
C LEU A 164 -2.14 0.87 -19.69
N ILE A 165 -0.83 0.75 -19.44
CA ILE A 165 0.05 -0.03 -20.29
C ILE A 165 -0.09 -1.54 -20.08
N VAL A 166 -0.01 -1.98 -18.83
CA VAL A 166 -0.10 -3.41 -18.52
C VAL A 166 -1.51 -3.96 -18.77
N GLY A 167 -2.52 -3.16 -18.42
CA GLY A 167 -3.90 -3.56 -18.64
C GLY A 167 -4.23 -3.72 -20.11
N ALA A 168 -3.77 -2.78 -20.91
CA ALA A 168 -3.94 -2.85 -22.36
C ALA A 168 -3.19 -4.04 -22.93
N ALA A 169 -1.97 -4.25 -22.45
CA ALA A 169 -1.16 -5.40 -22.85
C ALA A 169 -1.87 -6.70 -22.54
N GLN A 170 -2.46 -6.76 -21.35
CA GLN A 170 -3.22 -7.94 -20.92
C GLN A 170 -4.32 -8.28 -21.88
N GLU A 171 -5.08 -7.29 -22.30
CA GLU A 171 -6.23 -7.51 -23.16
C GLU A 171 -5.80 -7.82 -24.59
N ALA A 172 -4.67 -7.27 -25.00
CA ALA A 172 -4.15 -7.50 -26.33
C ALA A 172 -3.47 -8.86 -26.43
N ALA A 173 -2.55 -9.13 -25.49
CA ALA A 173 -1.67 -10.29 -25.61
C ALA A 173 -1.78 -11.31 -24.49
N GLY A 174 -2.74 -11.15 -23.58
CA GLY A 174 -2.93 -12.10 -22.50
C GLY A 174 -2.17 -11.75 -21.23
N TYR A 175 -2.42 -12.51 -20.17
CA TYR A 175 -1.89 -12.21 -18.84
C TYR A 175 -0.37 -12.39 -18.72
N HIS A 176 0.15 -13.46 -19.30
CA HIS A 176 1.58 -13.75 -19.21
C HIS A 176 2.44 -12.62 -19.80
N VAL A 177 2.03 -12.11 -20.96
CA VAL A 177 2.73 -10.99 -21.57
C VAL A 177 2.62 -9.75 -20.70
N ALA A 178 1.42 -9.52 -20.15
CA ALA A 178 1.18 -8.39 -19.29
C ALA A 178 2.07 -8.42 -18.05
N PHE A 179 2.16 -9.59 -17.42
CA PHE A 179 3.04 -9.77 -16.27
C PHE A 179 4.49 -9.63 -16.68
N SER A 180 4.81 -10.02 -17.90
CA SER A 180 6.16 -9.87 -18.43
C SER A 180 6.50 -8.39 -18.54
N LEU A 181 5.50 -7.57 -18.87
CA LEU A 181 5.69 -6.14 -18.96
C LEU A 181 6.00 -5.53 -17.61
N ALA A 182 5.33 -6.02 -16.57
CA ALA A 182 5.61 -5.59 -15.20
C ALA A 182 7.04 -5.95 -14.83
N ALA A 183 7.47 -7.15 -15.23
CA ALA A 183 8.84 -7.61 -14.98
C ALA A 183 9.83 -6.70 -15.69
N ILE A 184 9.55 -6.40 -16.95
CA ILE A 184 10.40 -5.53 -17.75
C ILE A 184 10.46 -4.13 -17.13
N GLY A 185 9.34 -3.67 -16.60
CA GLY A 185 9.29 -2.39 -15.91
C GLY A 185 10.27 -2.34 -14.76
N MET A 186 10.31 -3.39 -13.96
CA MET A 186 11.25 -3.47 -12.84
C MET A 186 12.69 -3.55 -13.36
N PHE A 187 12.88 -4.29 -14.45
CA PHE A 187 14.20 -4.42 -15.06
C PHE A 187 14.73 -3.05 -15.48
N ILE A 188 13.86 -2.25 -16.10
CA ILE A 188 14.20 -0.88 -16.47
C ILE A 188 14.62 -0.09 -15.24
N GLY A 189 13.87 -0.25 -14.17
CA GLY A 189 14.16 0.42 -12.91
C GLY A 189 15.52 0.01 -12.40
N LEU A 190 15.83 -1.28 -12.52
CA LEU A 190 17.12 -1.81 -12.06
C LEU A 190 18.29 -1.26 -12.88
N LEU A 191 18.10 -1.17 -14.20
CA LEU A 191 19.12 -0.60 -15.08
C LEU A 191 19.45 0.83 -14.72
N VAL A 192 18.42 1.67 -14.67
CA VAL A 192 18.58 3.07 -14.30
C VAL A 192 19.15 3.18 -12.90
N TYR A 193 18.64 2.38 -11.98
CA TYR A 193 19.12 2.41 -10.60
C TYR A 193 20.59 2.05 -10.48
N TYR A 194 20.97 0.93 -11.10
CA TYR A 194 22.33 0.41 -10.97
C TYR A 194 23.37 1.35 -11.56
N PHE A 195 23.19 1.71 -12.82
CA PHE A 195 24.17 2.53 -13.52
C PHE A 195 24.06 4.00 -13.13
N GLY A 196 22.83 4.46 -12.87
CA GLY A 196 22.62 5.82 -12.40
C GLY A 196 23.14 5.98 -10.98
N GLY A 197 22.95 4.96 -10.16
CA GLY A 197 23.33 5.00 -8.76
C GLY A 197 24.83 5.13 -8.51
N LYS A 198 25.62 4.43 -9.31
CA LYS A 198 27.09 4.47 -9.19
C LYS A 198 27.66 5.87 -9.30
N LYS A 199 26.91 6.74 -9.97
CA LYS A 199 27.42 8.05 -10.32
C LYS A 199 27.11 9.12 -9.27
N THR A 200 25.98 8.98 -8.60
CA THR A 200 25.48 10.05 -7.73
C THR A 200 25.29 9.65 -6.27
N LEU A 201 25.10 8.35 -6.00
CA LEU A 201 24.87 7.89 -4.63
C LEU A 201 26.18 7.76 -3.86
N ASP A 202 26.14 8.17 -2.59
CA ASP A 202 27.28 8.06 -1.71
C ASP A 202 27.63 6.58 -1.51
N PRO A 203 28.89 6.21 -1.77
CA PRO A 203 29.40 4.85 -1.60
C PRO A 203 29.18 4.29 -0.19
N HIS A 204 29.03 5.19 0.78
CA HIS A 204 28.78 4.84 2.18
C HIS A 204 27.61 3.88 2.33
N TYR A 205 26.62 4.03 1.46
CA TYR A 205 25.38 3.29 1.57
C TYR A 205 25.42 1.98 0.78
N LEU A 206 26.61 1.60 0.35
CA LEU A 206 26.83 0.27 -0.20
C LEU A 206 26.95 -0.72 0.96
N ARG A 207 27.14 -0.19 2.15
CA ARG A 207 27.27 -1.00 3.35
C ARG A 207 26.25 -0.51 4.38
N PRO A 208 25.92 -1.37 5.36
CA PRO A 208 25.06 -0.94 6.46
C PRO A 208 25.65 0.27 7.18
N THR A 209 24.80 1.24 7.54
CA THR A 209 25.28 2.44 8.23
C THR A 209 25.31 2.20 9.73
N ASP A 210 24.53 1.23 10.18
CA ASP A 210 24.54 0.81 11.58
C ASP A 210 24.69 -0.71 11.66
N PRO A 211 25.84 -1.22 11.23
CA PRO A 211 26.04 -2.68 11.20
C PRO A 211 25.90 -3.31 12.57
N LEU A 212 25.38 -4.52 12.61
CA LEU A 212 25.27 -5.26 13.86
C LEU A 212 26.62 -5.34 14.56
N ALA A 213 26.65 -4.94 15.82
CA ALA A 213 27.83 -5.15 16.64
C ALA A 213 27.94 -6.65 16.91
N PRO A 214 29.16 -7.14 17.24
CA PRO A 214 29.37 -8.57 17.50
C PRO A 214 28.37 -9.20 18.47
N GLU A 215 28.03 -8.49 19.54
CA GLU A 215 27.14 -9.03 20.57
C GLU A 215 25.66 -8.91 20.20
N GLU A 216 25.37 -8.33 19.04
CA GLU A 216 23.98 -8.15 18.61
C GLU A 216 23.50 -9.27 17.69
N VAL A 217 24.44 -10.00 17.10
CA VAL A 217 24.11 -11.02 16.11
C VAL A 217 23.26 -12.15 16.70
N LYS A 218 23.72 -12.74 17.81
CA LYS A 218 23.00 -13.84 18.43
C LYS A 218 21.60 -13.44 18.94
N PRO A 219 21.46 -12.31 19.66
CA PRO A 219 20.11 -11.94 20.09
C PRO A 219 19.12 -11.75 18.94
N LEU A 220 19.59 -11.17 17.83
CA LEU A 220 18.76 -11.02 16.63
C LEU A 220 18.41 -12.39 16.08
N LEU A 221 19.42 -13.25 16.01
CA LEU A 221 19.27 -14.60 15.50
C LEU A 221 18.20 -15.36 16.31
N VAL A 222 18.27 -15.23 17.63
CA VAL A 222 17.32 -15.89 18.51
C VAL A 222 15.91 -15.36 18.30
N LYS A 223 15.80 -14.03 18.19
CA LYS A 223 14.53 -13.36 17.93
C LYS A 223 13.86 -13.88 16.66
N VAL A 224 14.59 -13.83 15.56
CA VAL A 224 14.07 -14.29 14.26
C VAL A 224 13.71 -15.78 14.31
N SER A 225 14.58 -16.58 14.91
CA SER A 225 14.36 -18.02 15.01
C SER A 225 13.10 -18.35 15.81
N LEU A 226 12.88 -17.63 16.91
CA LEU A 226 11.70 -17.84 17.74
C LEU A 226 10.42 -17.45 17.03
N ALA A 227 10.49 -16.37 16.26
CA ALA A 227 9.36 -15.89 15.49
C ALA A 227 8.96 -16.89 14.41
N VAL A 228 9.96 -17.39 13.69
CA VAL A 228 9.73 -18.37 12.63
C VAL A 228 9.24 -19.69 13.21
N ALA A 229 9.86 -20.15 14.29
CA ALA A 229 9.47 -21.38 14.96
C ALA A 229 8.05 -21.28 15.50
N GLY A 230 7.71 -20.11 16.05
CA GLY A 230 6.39 -19.88 16.58
C GLY A 230 5.34 -19.89 15.48
N PHE A 231 5.63 -19.19 14.40
CA PHE A 231 4.75 -19.12 13.24
C PHE A 231 4.52 -20.51 12.64
N ILE A 232 5.59 -21.28 12.54
CA ILE A 232 5.53 -22.62 11.98
C ILE A 232 4.73 -23.56 12.90
N ALA A 233 4.93 -23.42 14.21
CA ALA A 233 4.19 -24.21 15.19
C ALA A 233 2.68 -23.97 15.07
N ILE A 234 2.31 -22.72 14.85
CA ILE A 234 0.91 -22.35 14.65
C ILE A 234 0.33 -23.04 13.42
N ILE A 235 1.10 -23.06 12.34
CA ILE A 235 0.68 -23.70 11.10
C ILE A 235 0.54 -25.21 11.27
N VAL A 236 1.45 -25.81 12.04
CA VAL A 236 1.36 -27.22 12.35
C VAL A 236 0.07 -27.52 13.12
N VAL A 237 -0.18 -26.74 14.17
CA VAL A 237 -1.36 -26.90 14.99
C VAL A 237 -2.64 -26.66 14.17
N MET A 238 -2.59 -25.66 13.30
CA MET A 238 -3.71 -25.37 12.39
C MET A 238 -4.07 -26.57 11.53
N ASN A 239 -3.06 -27.21 10.96
CA ASN A 239 -3.27 -28.37 10.11
C ASN A 239 -3.69 -29.62 10.88
N LEU A 240 -3.31 -29.70 12.16
CA LEU A 240 -3.68 -30.83 13.00
C LEU A 240 -5.15 -30.80 13.35
N VAL A 241 -5.69 -29.61 13.56
CA VAL A 241 -7.09 -29.46 13.95
C VAL A 241 -7.99 -29.19 12.74
N GLY A 242 -7.41 -29.24 11.54
CA GLY A 242 -8.19 -29.13 10.32
C GLY A 242 -8.47 -27.71 9.84
N TRP A 243 -7.77 -26.74 10.41
CA TRP A 243 -7.89 -25.36 9.94
C TRP A 243 -6.81 -25.07 8.91
N ASN A 244 -6.89 -25.73 7.76
CA ASN A 244 -5.82 -25.67 6.77
C ASN A 244 -6.29 -25.29 5.37
N SER A 245 -7.43 -24.61 5.28
CA SER A 245 -7.87 -24.09 3.99
C SER A 245 -7.15 -22.77 3.74
N LEU A 246 -7.20 -22.29 2.51
CA LEU A 246 -6.60 -21.00 2.19
C LEU A 246 -7.20 -19.84 3.01
N PRO A 247 -8.55 -19.79 3.14
CA PRO A 247 -9.10 -18.76 4.02
C PRO A 247 -8.56 -18.82 5.45
N ALA A 248 -8.23 -20.02 5.92
CA ALA A 248 -7.68 -20.20 7.26
C ALA A 248 -6.32 -19.54 7.40
N TYR A 249 -5.46 -19.75 6.39
CA TYR A 249 -4.14 -19.14 6.38
C TYR A 249 -4.24 -17.63 6.26
N ILE A 250 -5.21 -17.18 5.47
CA ILE A 250 -5.45 -15.75 5.29
C ILE A 250 -5.90 -15.14 6.62
N ASN A 251 -6.72 -15.87 7.37
CA ASN A 251 -7.12 -15.43 8.69
C ASN A 251 -5.93 -15.34 9.64
N LEU A 252 -5.03 -16.31 9.56
CA LEU A 252 -3.81 -16.30 10.37
C LEU A 252 -2.99 -15.05 10.09
N LEU A 253 -2.84 -14.73 8.82
CA LEU A 253 -2.07 -13.57 8.39
C LEU A 253 -2.78 -12.29 8.79
N THR A 254 -4.10 -12.30 8.75
CA THR A 254 -4.90 -11.19 9.23
C THR A 254 -4.62 -10.94 10.70
N ILE A 255 -4.69 -12.01 11.48
CA ILE A 255 -4.45 -11.95 12.92
C ILE A 255 -3.05 -11.44 13.23
N VAL A 256 -2.05 -11.92 12.50
CA VAL A 256 -0.67 -11.49 12.69
C VAL A 256 -0.51 -10.00 12.38
N ALA A 257 -1.08 -9.57 11.26
CA ALA A 257 -0.98 -8.18 10.83
C ALA A 257 -1.63 -7.22 11.81
N ILE A 258 -2.71 -7.68 12.46
CA ILE A 258 -3.45 -6.84 13.40
C ILE A 258 -2.83 -6.90 14.80
N ALA A 259 -2.30 -8.06 15.17
CA ALA A 259 -1.73 -8.26 16.50
C ALA A 259 -0.48 -7.44 16.74
N ILE A 260 0.32 -7.24 15.69
CA ILE A 260 1.57 -6.50 15.79
C ILE A 260 1.36 -5.06 16.32
N PRO A 261 0.41 -4.30 15.75
CA PRO A 261 0.18 -2.98 16.34
C PRO A 261 -0.54 -3.03 17.69
N VAL A 262 -1.42 -4.02 17.86
CA VAL A 262 -2.12 -4.19 19.13
C VAL A 262 -1.11 -4.39 20.26
N PHE A 263 -0.04 -5.13 19.97
CA PHE A 263 0.96 -5.44 20.98
C PHE A 263 1.89 -4.26 21.25
N TYR A 264 2.20 -3.47 20.23
CA TYR A 264 2.98 -2.27 20.43
C TYR A 264 2.22 -1.27 21.29
N PHE A 265 0.92 -1.19 21.06
CA PHE A 265 0.04 -0.39 21.88
C PHE A 265 0.07 -0.85 23.33
N ALA A 266 -0.27 -2.12 23.54
CA ALA A 266 -0.29 -2.74 24.86
C ALA A 266 1.05 -2.53 25.57
N TRP A 267 2.12 -2.51 24.78
CA TRP A 267 3.46 -2.26 25.27
C TRP A 267 3.61 -0.82 25.77
N MET A 268 3.42 0.13 24.86
CA MET A 268 3.62 1.54 25.15
C MET A 268 2.65 2.07 26.21
N ILE A 269 1.41 1.63 26.15
CA ILE A 269 0.38 2.10 27.06
C ILE A 269 0.62 1.55 28.48
N SER A 270 1.14 0.34 28.55
CA SER A 270 1.49 -0.25 29.83
C SER A 270 2.81 0.31 30.35
N SER A 271 3.86 0.20 29.53
CA SER A 271 5.18 0.73 29.88
C SER A 271 5.20 2.26 29.86
N THR A 277 4.41 11.87 32.25
CA THR A 277 3.44 10.87 31.81
C THR A 277 2.85 11.25 30.46
N GLU A 278 3.65 11.13 29.41
CA GLU A 278 3.16 11.38 28.06
C GLU A 278 2.49 10.11 27.53
N HIS A 279 2.18 9.23 28.48
CA HIS A 279 1.28 8.11 28.30
C HIS A 279 -0.02 8.57 27.63
N LEU A 280 -0.49 9.74 28.05
CA LEU A 280 -1.73 10.29 27.55
C LEU A 280 -1.65 10.53 26.04
N ARG A 281 -0.49 10.93 25.55
CA ARG A 281 -0.28 11.17 24.12
C ARG A 281 -0.45 9.88 23.32
N VAL A 282 0.12 8.78 23.83
CA VAL A 282 0.04 7.50 23.15
C VAL A 282 -1.41 7.04 23.05
N VAL A 283 -2.18 7.27 24.11
CA VAL A 283 -3.60 6.95 24.11
C VAL A 283 -4.34 7.75 23.04
N SER A 284 -3.92 8.99 22.84
CA SER A 284 -4.53 9.86 21.84
C SER A 284 -4.32 9.37 20.41
N TYR A 285 -3.29 8.54 20.22
CA TYR A 285 -2.96 8.06 18.90
C TYR A 285 -3.89 6.93 18.45
N ILE A 286 -4.48 6.23 19.41
CA ILE A 286 -5.39 5.13 19.13
C ILE A 286 -6.52 5.54 18.16
N PRO A 287 -7.24 6.64 18.46
CA PRO A 287 -8.30 7.00 17.49
C PRO A 287 -7.74 7.43 16.14
N LEU A 288 -6.60 8.10 16.15
CA LEU A 288 -5.94 8.51 14.91
C LEU A 288 -5.50 7.28 14.12
N PHE A 289 -4.96 6.30 14.83
CA PHE A 289 -4.49 5.06 14.20
C PHE A 289 -5.65 4.26 13.64
N ILE A 290 -6.73 4.16 14.41
CA ILE A 290 -7.92 3.44 13.96
C ILE A 290 -8.51 4.16 12.74
N ALA A 291 -8.52 5.48 12.79
CA ALA A 291 -8.98 6.29 11.66
C ALA A 291 -8.12 6.02 10.42
N ALA A 292 -6.80 5.96 10.62
CA ALA A 292 -5.87 5.69 9.53
C ALA A 292 -6.12 4.29 8.96
N VAL A 293 -6.29 3.32 9.86
CA VAL A 293 -6.55 1.94 9.45
C VAL A 293 -7.79 1.84 8.59
N LEU A 294 -8.89 2.44 9.06
CA LEU A 294 -10.16 2.39 8.37
C LEU A 294 -10.11 3.16 7.05
N PHE A 295 -9.36 4.26 7.04
CA PHE A 295 -9.19 4.98 5.78
C PHE A 295 -8.45 4.12 4.78
N TRP A 296 -7.34 3.52 5.22
CA TRP A 296 -6.53 2.72 4.31
C TRP A 296 -7.29 1.49 3.86
N ALA A 297 -8.15 0.96 4.72
CA ALA A 297 -9.00 -0.17 4.36
C ALA A 297 -9.83 0.19 3.13
N ILE A 298 -10.56 1.29 3.21
CA ILE A 298 -11.41 1.77 2.12
C ILE A 298 -10.59 2.13 0.88
N GLU A 299 -9.49 2.82 1.09
CA GLU A 299 -8.64 3.25 -0.02
C GLU A 299 -8.04 2.05 -0.74
N GLU A 300 -7.63 1.04 0.02
CA GLU A 300 -7.01 -0.15 -0.54
C GLU A 300 -8.03 -1.10 -1.18
N GLN A 301 -9.32 -0.85 -0.95
CA GLN A 301 -10.35 -1.68 -1.55
C GLN A 301 -10.62 -1.27 -3.00
N GLY A 302 -9.99 -0.19 -3.44
CA GLY A 302 -10.11 0.25 -4.82
C GLY A 302 -9.60 -0.79 -5.78
N SER A 303 -8.52 -1.47 -5.41
CA SER A 303 -7.90 -2.46 -6.27
C SER A 303 -8.56 -3.83 -6.15
N VAL A 304 -9.61 -3.91 -5.33
CA VAL A 304 -10.27 -5.17 -5.06
C VAL A 304 -11.78 -5.08 -5.29
N VAL A 305 -12.46 -4.35 -4.41
CA VAL A 305 -13.91 -4.22 -4.49
C VAL A 305 -14.34 -3.32 -5.64
N LEU A 306 -13.67 -2.18 -5.77
CA LEU A 306 -13.97 -1.27 -6.88
C LEU A 306 -13.53 -1.88 -8.21
N ALA A 307 -12.45 -2.65 -8.19
CA ALA A 307 -12.00 -3.37 -9.37
C ALA A 307 -13.03 -4.43 -9.76
N THR A 308 -13.64 -5.05 -8.75
CA THR A 308 -14.71 -6.01 -8.97
C THR A 308 -15.93 -5.31 -9.56
N PHE A 309 -16.31 -4.18 -8.95
CA PHE A 309 -17.43 -3.39 -9.42
C PHE A 309 -17.20 -2.93 -10.85
N ALA A 310 -15.97 -2.50 -11.12
CA ALA A 310 -15.60 -2.02 -12.44
C ALA A 310 -15.82 -3.09 -13.51
N ALA A 311 -15.50 -4.33 -13.16
CA ALA A 311 -15.54 -5.43 -14.13
C ALA A 311 -16.94 -6.02 -14.29
N GLU A 312 -17.74 -5.96 -13.24
CA GLU A 312 -19.06 -6.60 -13.25
C GLU A 312 -20.20 -5.63 -13.45
N ARG A 313 -20.00 -4.37 -13.08
CA ARG A 313 -21.11 -3.43 -12.93
C ARG A 313 -21.00 -2.17 -13.77
N VAL A 314 -19.87 -1.98 -14.44
CA VAL A 314 -19.65 -0.77 -15.21
C VAL A 314 -19.70 -1.07 -16.71
N ASP A 315 -20.33 -0.19 -17.48
CA ASP A 315 -20.24 -0.27 -18.93
C ASP A 315 -18.86 0.21 -19.36
N SER A 316 -17.95 -0.73 -19.58
CA SER A 316 -16.60 -0.43 -19.99
C SER A 316 -16.21 -1.29 -21.18
N SER A 317 -17.18 -1.52 -22.07
CA SER A 317 -16.97 -2.42 -23.20
C SER A 317 -15.91 -1.93 -24.17
N TRP A 318 -15.55 -0.65 -24.09
CA TRP A 318 -14.66 -0.04 -25.08
C TRP A 318 -13.26 0.28 -24.53
N PHE A 319 -12.99 -0.10 -23.29
CA PHE A 319 -11.65 0.07 -22.74
C PHE A 319 -11.37 -0.97 -21.66
N PRO A 320 -10.09 -1.30 -21.44
CA PRO A 320 -9.70 -2.26 -20.40
C PRO A 320 -10.13 -1.81 -19.01
N VAL A 321 -10.87 -2.67 -18.32
CA VAL A 321 -11.44 -2.34 -17.02
C VAL A 321 -10.36 -2.13 -15.95
N SER A 322 -9.17 -2.67 -16.21
CA SER A 322 -8.04 -2.51 -15.30
C SER A 322 -7.60 -1.05 -15.23
N TRP A 323 -7.95 -0.27 -16.25
CA TRP A 323 -7.56 1.14 -16.34
C TRP A 323 -8.11 2.00 -15.20
N PHE A 324 -9.18 1.53 -14.56
CA PHE A 324 -9.77 2.25 -13.43
C PHE A 324 -8.77 2.40 -12.28
N GLN A 325 -7.79 1.49 -12.23
CA GLN A 325 -6.76 1.53 -11.20
C GLN A 325 -5.82 2.73 -11.36
N SER A 326 -5.93 3.43 -12.48
CA SER A 326 -5.12 4.61 -12.74
C SER A 326 -5.69 5.87 -12.07
N LEU A 327 -6.97 5.83 -11.73
CA LEU A 327 -7.66 6.98 -11.17
C LEU A 327 -7.11 7.39 -9.81
N ASN A 328 -6.76 6.40 -9.00
CA ASN A 328 -6.20 6.67 -7.67
C ASN A 328 -4.92 7.52 -7.77
N PRO A 329 -3.91 7.05 -8.51
CA PRO A 329 -2.73 7.93 -8.57
C PRO A 329 -2.97 9.18 -9.41
N LEU A 330 -3.93 9.12 -10.34
CA LEU A 330 -4.25 10.30 -11.15
C LEU A 330 -4.72 11.44 -10.27
N PHE A 331 -5.62 11.13 -9.34
CA PHE A 331 -6.23 12.15 -8.49
C PHE A 331 -5.26 12.67 -7.44
N ILE A 332 -4.33 11.82 -7.00
CA ILE A 332 -3.28 12.26 -6.07
C ILE A 332 -2.44 13.34 -6.74
N MET A 333 -2.05 13.09 -7.99
CA MET A 333 -1.24 14.04 -8.75
C MET A 333 -1.98 15.34 -9.06
N LEU A 334 -3.27 15.24 -9.35
CA LEU A 334 -4.07 16.42 -9.65
C LEU A 334 -4.34 17.25 -8.40
N TYR A 335 -4.69 16.57 -7.31
CA TYR A 335 -4.99 17.25 -6.04
C TYR A 335 -3.76 17.88 -5.40
N THR A 336 -2.60 17.29 -5.63
CA THR A 336 -1.37 17.64 -4.90
C THR A 336 -0.94 19.12 -4.99
N PRO A 337 -0.91 19.70 -6.20
CA PRO A 337 -0.52 21.12 -6.21
C PRO A 337 -1.56 22.00 -5.53
N PHE A 338 -2.82 21.60 -5.58
CA PHE A 338 -3.89 22.34 -4.93
C PHE A 338 -3.75 22.32 -3.42
N PHE A 339 -3.49 21.14 -2.86
CA PHE A 339 -3.35 21.00 -1.42
C PHE A 339 -2.04 21.62 -0.94
N ALA A 340 -1.01 21.55 -1.77
CA ALA A 340 0.25 22.22 -1.48
C ALA A 340 0.00 23.71 -1.27
N TRP A 341 -0.74 24.30 -2.21
CA TRP A 341 -1.15 25.70 -2.11
C TRP A 341 -2.00 25.95 -0.86
N LEU A 342 -2.98 25.06 -0.65
CA LEU A 342 -3.94 25.21 0.44
C LEU A 342 -3.28 25.31 1.81
N TRP A 343 -2.30 24.45 2.07
CA TRP A 343 -1.72 24.36 3.40
C TRP A 343 -0.75 25.49 3.70
N THR A 344 -0.33 26.21 2.66
CA THR A 344 0.49 27.40 2.87
C THR A 344 -0.39 28.63 2.91
N ALA A 345 -1.45 28.64 2.09
CA ALA A 345 -2.35 29.78 2.03
C ALA A 345 -3.23 29.85 3.28
N TRP A 346 -3.56 28.68 3.84
CA TRP A 346 -4.38 28.61 5.04
C TRP A 346 -3.54 28.95 6.27
N LYS A 347 -3.34 30.25 6.48
CA LYS A 347 -2.54 30.75 7.59
C LYS A 347 -3.33 30.72 8.90
N LYS A 348 -4.47 31.41 8.91
CA LYS A 348 -5.32 31.49 10.09
C LYS A 348 -6.30 30.33 10.18
N ASN A 349 -6.39 29.73 11.36
CA ASN A 349 -7.31 28.63 11.66
C ASN A 349 -7.10 27.38 10.80
N GLN A 350 -5.85 27.02 10.54
CA GLN A 350 -5.53 25.77 9.86
C GLN A 350 -6.05 24.61 10.70
N PRO A 351 -6.69 23.61 10.07
CA PRO A 351 -7.22 22.47 10.84
C PRO A 351 -6.10 21.66 11.49
N SER A 352 -6.39 21.10 12.66
CA SER A 352 -5.44 20.20 13.31
C SER A 352 -5.34 18.89 12.54
N SER A 353 -4.24 18.16 12.76
CA SER A 353 -4.09 16.83 12.16
C SER A 353 -5.18 15.85 12.60
N PRO A 354 -5.62 15.90 13.88
CA PRO A 354 -6.78 15.06 14.22
C PRO A 354 -8.04 15.38 13.42
N THR A 355 -8.24 16.67 13.11
CA THR A 355 -9.39 17.07 12.30
C THR A 355 -9.24 16.59 10.87
N LYS A 356 -8.01 16.65 10.35
CA LYS A 356 -7.72 16.19 9.00
C LYS A 356 -8.02 14.70 8.85
N PHE A 357 -7.64 13.93 9.87
CA PHE A 357 -7.94 12.50 9.92
C PHE A 357 -9.44 12.25 9.91
N ALA A 358 -10.14 13.00 10.76
CA ALA A 358 -11.59 12.88 10.89
C ALA A 358 -12.27 13.18 9.55
N VAL A 359 -11.97 14.33 8.96
CA VAL A 359 -12.52 14.71 7.66
C VAL A 359 -12.03 13.75 6.57
N GLY A 360 -10.77 13.35 6.65
CA GLY A 360 -10.21 12.40 5.70
C GLY A 360 -10.98 11.09 5.68
N LEU A 361 -11.33 10.59 6.85
CA LEU A 361 -12.12 9.37 6.97
C LEU A 361 -13.53 9.57 6.44
N MET A 362 -14.09 10.75 6.67
CA MET A 362 -15.44 11.08 6.19
C MET A 362 -15.50 11.02 4.67
N PHE A 363 -14.48 11.53 3.99
CA PHE A 363 -14.43 11.50 2.54
C PHE A 363 -14.33 10.08 2.00
N ALA A 364 -13.52 9.26 2.66
CA ALA A 364 -13.44 7.85 2.34
C ALA A 364 -14.82 7.22 2.47
N GLY A 365 -15.51 7.54 3.57
CA GLY A 365 -16.86 7.08 3.80
C GLY A 365 -17.80 7.53 2.70
N LEU A 366 -17.67 8.80 2.29
CA LEU A 366 -18.49 9.35 1.22
C LEU A 366 -18.23 8.63 -0.10
N SER A 367 -16.97 8.23 -0.31
CA SER A 367 -16.59 7.54 -1.53
C SER A 367 -17.35 6.22 -1.67
N PHE A 368 -17.61 5.57 -0.55
CA PHE A 368 -18.38 4.32 -0.56
C PHE A 368 -19.88 4.57 -0.57
N LEU A 369 -20.31 5.60 0.16
CA LEU A 369 -21.72 5.98 0.16
C LEU A 369 -22.18 6.33 -1.24
N LEU A 370 -21.33 7.03 -1.99
CA LEU A 370 -21.59 7.35 -3.38
C LEU A 370 -21.83 6.08 -4.20
N MET A 371 -21.02 5.06 -3.94
CA MET A 371 -21.07 3.81 -4.71
C MET A 371 -22.32 2.99 -4.39
N ALA A 372 -23.01 3.35 -3.32
CA ALA A 372 -24.26 2.68 -2.97
C ALA A 372 -25.41 3.20 -3.84
N ILE A 373 -25.24 4.39 -4.39
CA ILE A 373 -26.31 5.05 -5.14
C ILE A 373 -26.71 4.37 -6.45
N PRO A 374 -25.73 4.05 -7.33
CA PRO A 374 -26.16 3.43 -8.60
C PRO A 374 -26.94 2.13 -8.41
N GLY A 375 -26.51 1.30 -7.47
CA GLY A 375 -27.20 0.05 -7.19
C GLY A 375 -28.58 0.30 -6.61
N ALA A 376 -28.69 1.30 -5.75
CA ALA A 376 -29.96 1.65 -5.12
C ALA A 376 -30.93 2.24 -6.13
N LEU A 377 -30.39 3.01 -7.07
CA LEU A 377 -31.20 3.72 -8.05
C LEU A 377 -31.55 2.85 -9.26
N TYR A 378 -30.57 2.11 -9.76
CA TYR A 378 -30.72 1.37 -11.01
C TYR A 378 -30.87 -0.13 -10.83
N GLY A 379 -30.65 -0.62 -9.61
CA GLY A 379 -30.59 -2.06 -9.39
C GLY A 379 -29.17 -2.53 -9.67
N THR A 380 -28.89 -3.80 -9.37
CA THR A 380 -27.54 -4.33 -9.48
C THR A 380 -27.35 -5.30 -10.63
N SER A 381 -28.42 -5.53 -11.40
CA SER A 381 -28.36 -6.49 -12.51
C SER A 381 -27.80 -5.86 -13.77
N GLY A 382 -27.91 -4.54 -13.89
CA GLY A 382 -27.48 -3.84 -15.08
C GLY A 382 -26.06 -3.31 -14.97
N LYS A 383 -25.73 -2.34 -15.82
CA LYS A 383 -24.42 -1.73 -15.77
C LYS A 383 -24.53 -0.21 -15.80
N VAL A 384 -23.59 0.45 -15.14
CA VAL A 384 -23.67 1.87 -14.89
C VAL A 384 -22.46 2.61 -15.46
N SER A 385 -22.56 3.94 -15.49
CA SER A 385 -21.49 4.77 -16.01
C SER A 385 -20.20 4.62 -15.21
N PRO A 386 -19.06 4.67 -15.91
CA PRO A 386 -17.71 4.72 -15.30
C PRO A 386 -17.57 5.88 -14.32
N LEU A 387 -18.37 6.94 -14.52
CA LEU A 387 -18.28 8.15 -13.72
C LEU A 387 -18.56 7.92 -12.23
N TRP A 388 -19.33 6.87 -11.92
CA TRP A 388 -19.59 6.51 -10.53
C TRP A 388 -18.29 6.16 -9.82
N LEU A 389 -17.44 5.40 -10.50
CA LEU A 389 -16.13 5.04 -9.97
C LEU A 389 -15.17 6.22 -9.95
N VAL A 390 -15.23 7.04 -11.01
CA VAL A 390 -14.41 8.25 -11.09
C VAL A 390 -14.70 9.15 -9.89
N GLY A 391 -15.98 9.31 -9.59
CA GLY A 391 -16.40 10.11 -8.45
C GLY A 391 -15.98 9.48 -7.14
N SER A 392 -16.04 8.16 -7.06
CA SER A 392 -15.65 7.45 -5.85
C SER A 392 -14.18 7.66 -5.54
N TRP A 393 -13.34 7.52 -6.56
CA TRP A 393 -11.91 7.72 -6.38
C TRP A 393 -11.60 9.19 -6.14
N ALA A 394 -12.37 10.08 -6.75
CA ALA A 394 -12.20 11.51 -6.52
C ALA A 394 -12.40 11.83 -5.04
N LEU A 395 -13.32 11.12 -4.40
CA LEU A 395 -13.65 11.34 -2.99
C LEU A 395 -12.64 10.74 -2.04
N VAL A 396 -12.25 9.48 -2.26
CA VAL A 396 -11.36 8.80 -1.33
C VAL A 396 -9.95 9.38 -1.37
N ILE A 397 -9.54 9.88 -2.54
CA ILE A 397 -8.24 10.49 -2.68
C ILE A 397 -8.25 11.87 -2.00
N LEU A 398 -9.39 12.53 -2.05
CA LEU A 398 -9.60 13.76 -1.30
C LEU A 398 -9.33 13.51 0.17
N GLY A 399 -9.79 12.35 0.65
CA GLY A 399 -9.49 11.90 1.99
C GLY A 399 -8.00 11.64 2.19
N GLU A 400 -7.34 11.11 1.16
CA GLU A 400 -5.92 10.78 1.25
C GLU A 400 -5.06 12.02 1.36
N MET A 401 -5.43 13.07 0.64
CA MET A 401 -4.69 14.31 0.67
C MET A 401 -4.67 14.94 2.06
N LEU A 402 -5.63 14.54 2.90
CA LEU A 402 -5.73 15.08 4.25
C LEU A 402 -4.97 14.23 5.26
N ILE A 403 -5.03 12.92 5.10
CA ILE A 403 -4.46 11.98 6.06
C ILE A 403 -3.00 11.63 5.75
N SER A 404 -2.72 11.36 4.48
CA SER A 404 -1.39 10.89 4.06
C SER A 404 -0.24 11.86 4.38
N PRO A 405 -0.36 13.15 4.03
CA PRO A 405 0.79 14.03 4.25
C PRO A 405 1.09 14.33 5.73
N VAL A 406 0.10 14.19 6.60
CA VAL A 406 0.31 14.48 8.02
C VAL A 406 0.38 13.20 8.86
N GLY A 407 0.26 12.06 8.19
CA GLY A 407 0.25 10.78 8.88
C GLY A 407 1.51 10.50 9.69
N LEU A 408 2.65 10.50 9.00
CA LEU A 408 3.93 10.32 9.68
C LEU A 408 4.20 11.46 10.65
N SER A 409 3.75 12.65 10.27
CA SER A 409 3.93 13.85 11.06
C SER A 409 3.25 13.79 12.43
N VAL A 410 1.93 13.61 12.42
CA VAL A 410 1.16 13.63 13.66
C VAL A 410 1.55 12.46 14.56
N THR A 411 2.02 11.37 13.96
CA THR A 411 2.47 10.22 14.71
C THR A 411 3.76 10.55 15.47
N THR A 412 4.67 11.23 14.78
CA THR A 412 5.98 11.56 15.33
C THR A 412 5.89 12.57 16.47
N LYS A 413 5.05 13.58 16.30
CA LYS A 413 4.85 14.61 17.32
C LYS A 413 4.13 14.07 18.56
N LEU A 414 3.87 12.78 18.57
CA LEU A 414 3.29 12.12 19.74
C LEU A 414 4.27 11.11 20.33
N SER A 421 10.35 5.07 17.73
CA SER A 421 10.74 4.24 16.60
C SER A 421 9.73 3.13 16.35
N GLN A 422 9.17 2.58 17.43
CA GLN A 422 8.16 1.54 17.34
C GLN A 422 6.85 2.14 16.85
N MET A 423 6.48 3.26 17.45
CA MET A 423 5.25 3.96 17.11
C MET A 423 5.31 4.55 15.70
N MET A 424 6.52 4.85 15.25
CA MET A 424 6.70 5.45 13.93
C MET A 424 6.40 4.42 12.83
N SER A 425 6.85 3.19 13.03
CA SER A 425 6.55 2.09 12.10
C SER A 425 5.06 1.81 12.06
N MET A 426 4.37 2.14 13.14
CA MET A 426 2.93 1.89 13.24
C MET A 426 2.13 2.77 12.29
N TRP A 427 2.68 3.92 11.91
CA TRP A 427 2.01 4.73 10.90
C TRP A 427 1.96 3.96 9.59
N PHE A 428 3.11 3.38 9.22
CA PHE A 428 3.21 2.58 8.01
C PHE A 428 2.44 1.28 8.17
N LEU A 429 2.27 0.85 9.42
CA LEU A 429 1.54 -0.39 9.71
C LEU A 429 0.04 -0.23 9.53
N SER A 430 -0.43 1.02 9.63
CA SER A 430 -1.86 1.31 9.55
C SER A 430 -2.43 0.88 8.20
N SER A 431 -1.61 0.98 7.16
CA SER A 431 -2.02 0.54 5.84
C SER A 431 -2.00 -0.99 5.76
N SER A 432 -1.05 -1.59 6.46
CA SER A 432 -0.98 -3.05 6.53
C SER A 432 -2.17 -3.61 7.28
N VAL A 433 -2.52 -2.97 8.39
CA VAL A 433 -3.69 -3.35 9.16
C VAL A 433 -4.97 -3.12 8.36
N GLY A 434 -5.01 -2.00 7.64
CA GLY A 434 -6.14 -1.69 6.78
C GLY A 434 -6.38 -2.78 5.76
N SER A 435 -5.31 -3.22 5.12
CA SER A 435 -5.40 -4.27 4.10
C SER A 435 -5.77 -5.61 4.71
N ALA A 436 -5.26 -5.87 5.92
CA ALA A 436 -5.59 -7.11 6.63
C ALA A 436 -7.07 -7.13 7.01
N LEU A 437 -7.58 -5.99 7.43
CA LEU A 437 -9.01 -5.83 7.71
C LEU A 437 -9.81 -6.11 6.44
N ASN A 438 -9.30 -5.59 5.32
CA ASN A 438 -9.91 -5.79 4.02
C ASN A 438 -9.99 -7.28 3.63
N ALA A 439 -8.97 -8.04 3.99
CA ALA A 439 -8.93 -9.47 3.67
C ALA A 439 -10.14 -10.19 4.21
N GLN A 440 -10.72 -9.65 5.28
CA GLN A 440 -11.93 -10.18 5.88
C GLN A 440 -13.17 -9.55 5.22
N LEU A 441 -13.13 -8.23 5.07
CA LEU A 441 -14.30 -7.47 4.62
C LEU A 441 -14.68 -7.72 3.16
N VAL A 442 -13.70 -7.79 2.27
CA VAL A 442 -13.97 -7.89 0.84
C VAL A 442 -14.66 -9.20 0.46
N THR A 443 -14.62 -10.19 1.35
CA THR A 443 -15.32 -11.45 1.12
C THR A 443 -16.82 -11.26 1.30
N LEU A 444 -17.22 -10.11 1.83
CA LEU A 444 -18.62 -9.80 2.03
C LEU A 444 -19.23 -9.17 0.78
N TYR A 445 -18.38 -8.66 -0.09
CA TYR A 445 -18.88 -7.96 -1.28
C TYR A 445 -19.25 -8.92 -2.41
N ASN A 446 -20.47 -8.74 -2.90
CA ASN A 446 -20.95 -9.40 -4.10
C ASN A 446 -22.14 -8.64 -4.65
N ALA A 447 -22.68 -9.09 -5.77
CA ALA A 447 -23.79 -8.41 -6.43
C ALA A 447 -25.00 -8.28 -5.50
N LYS A 448 -25.25 -9.32 -4.71
CA LYS A 448 -26.38 -9.33 -3.78
C LYS A 448 -26.19 -8.34 -2.64
N SER A 449 -24.95 -8.22 -2.15
CA SER A 449 -24.67 -7.41 -0.97
C SER A 449 -24.16 -6.02 -1.31
N GLU A 450 -24.00 -5.74 -2.61
CA GLU A 450 -23.38 -4.51 -3.09
C GLU A 450 -23.83 -3.23 -2.39
N VAL A 451 -25.12 -2.94 -2.46
CA VAL A 451 -25.66 -1.70 -1.89
C VAL A 451 -25.47 -1.66 -0.38
N ALA A 452 -25.78 -2.77 0.29
CA ALA A 452 -25.58 -2.86 1.73
C ALA A 452 -24.11 -2.71 2.12
N TYR A 453 -23.23 -3.33 1.35
CA TYR A 453 -21.79 -3.26 1.59
C TYR A 453 -21.29 -1.83 1.56
N PHE A 454 -21.59 -1.13 0.47
CA PHE A 454 -21.16 0.26 0.30
C PHE A 454 -21.82 1.18 1.32
N SER A 455 -23.11 0.98 1.55
CA SER A 455 -23.85 1.78 2.51
C SER A 455 -23.30 1.63 3.93
N TYR A 456 -23.22 0.39 4.39
CA TYR A 456 -22.78 0.07 5.74
C TYR A 456 -21.40 0.62 6.07
N PHE A 457 -20.43 0.29 5.24
CA PHE A 457 -19.04 0.67 5.51
C PHE A 457 -18.80 2.14 5.15
N GLY A 458 -19.65 2.69 4.28
CA GLY A 458 -19.60 4.09 3.97
C GLY A 458 -20.11 4.92 5.13
N LEU A 459 -21.29 4.57 5.63
CA LEU A 459 -21.89 5.27 6.77
C LEU A 459 -21.06 5.08 8.02
N GLY A 460 -20.57 3.86 8.24
CA GLY A 460 -19.75 3.57 9.39
C GLY A 460 -18.52 4.45 9.46
N SER A 461 -17.88 4.65 8.32
CA SER A 461 -16.67 5.47 8.25
C SER A 461 -16.98 6.95 8.47
N VAL A 462 -18.10 7.41 7.94
CA VAL A 462 -18.54 8.79 8.16
C VAL A 462 -18.83 9.03 9.64
N VAL A 463 -19.56 8.10 10.26
CA VAL A 463 -19.88 8.18 11.68
C VAL A 463 -18.61 8.26 12.53
N LEU A 464 -17.65 7.41 12.22
CA LEU A 464 -16.39 7.40 12.96
C LEU A 464 -15.58 8.66 12.67
N GLY A 465 -15.80 9.24 11.50
CA GLY A 465 -15.21 10.53 11.17
C GLY A 465 -15.80 11.59 12.08
N ILE A 466 -17.09 11.47 12.33
CA ILE A 466 -17.80 12.41 13.21
C ILE A 466 -17.39 12.21 14.66
N VAL A 467 -17.21 10.95 15.05
CA VAL A 467 -16.72 10.63 16.40
C VAL A 467 -15.36 11.27 16.63
N LEU A 468 -14.48 11.15 15.64
CA LEU A 468 -13.13 11.70 15.72
C LEU A 468 -13.15 13.23 15.79
N VAL A 469 -14.11 13.84 15.09
CA VAL A 469 -14.30 15.29 15.15
C VAL A 469 -14.58 15.73 16.58
N PHE A 470 -15.45 15.00 17.26
CA PHE A 470 -15.75 15.26 18.67
C PHE A 470 -14.51 15.09 19.53
N LEU A 471 -13.68 14.12 19.18
CA LEU A 471 -12.49 13.81 19.97
C LEU A 471 -11.32 14.71 19.59
N SER A 472 -11.49 15.48 18.51
CA SER A 472 -10.41 16.27 17.93
C SER A 472 -9.72 17.23 18.90
N LYS A 473 -10.52 17.88 19.76
CA LYS A 473 -9.96 18.90 20.66
C LYS A 473 -9.05 18.30 21.73
N ARG A 474 -9.52 17.23 22.37
CA ARG A 474 -8.70 16.51 23.36
C ARG A 474 -7.34 16.16 22.77
N ILE A 475 -7.35 15.45 21.66
CA ILE A 475 -6.14 14.98 21.00
C ILE A 475 -5.18 16.12 20.63
N GLN A 476 -5.72 17.25 20.21
CA GLN A 476 -4.89 18.35 19.74
C GLN A 476 -4.11 19.04 20.87
N GLY A 477 -4.57 18.87 22.10
CA GLY A 477 -3.88 19.41 23.25
C GLY A 477 -2.68 18.57 23.63
N LEU A 478 -2.79 17.26 23.47
CA LEU A 478 -1.77 16.32 23.94
C LEU A 478 -0.63 16.18 22.93
P PO4 B . -0.88 -24.98 -12.94
O1 PO4 B . 0.45 -24.30 -12.73
O2 PO4 B . -0.65 -26.38 -13.45
O3 PO4 B . -1.66 -25.02 -11.65
O4 PO4 B . -1.65 -24.22 -13.99
P PO4 C . -11.86 -21.61 -1.02
O1 PO4 C . -10.40 -21.62 -0.62
O2 PO4 C . -12.24 -20.24 -1.51
O3 PO4 C . -12.08 -22.62 -2.12
O4 PO4 C . -12.71 -21.97 0.18
NA NA D . -13.69 -3.62 -21.03
O22 78N E . -30.91 -1.55 -1.85
C19 78N E . -31.37 -0.34 -2.50
C18 78N E . -31.98 0.62 -1.45
O20 78N E . -33.13 0.01 -0.87
C17 78N E . -30.96 0.92 -0.36
O16 78N E . -30.70 2.31 -0.34
C8 78N E . -29.37 2.64 0.01
O15 78N E . -28.82 2.08 0.92
C7 78N E . -28.62 3.71 -0.76
C6 78N E . -28.08 4.77 0.21
C5 78N E . -27.10 5.72 -0.58
C4 78N E . -26.42 6.64 0.43
C3 78N E . -25.92 7.90 -0.31
C2 78N E . -25.89 9.07 0.65
C1 78N E . -25.00 10.07 0.40
C9 78N E . -24.07 9.95 -0.84
C10 78N E . -23.25 11.24 -0.99
C11 78N E . -21.86 10.89 -1.52
C12 78N E . -21.35 12.07 -2.40
C13 78N E . -21.41 13.39 -1.62
C15 78N E . -20.14 15.54 -1.34
C14 78N E . -20.54 14.43 -2.33
O22 78N F . -27.86 10.10 -14.03
C19 78N F . -28.02 9.75 -12.62
C18 78N F . -26.95 10.46 -11.78
O20 78N F . -26.76 11.78 -12.26
C17 78N F . -27.40 10.49 -10.32
O16 78N F . -27.01 11.71 -9.71
C8 78N F . -26.23 11.55 -8.54
O15 78N F . -26.70 11.03 -7.56
C7 78N F . -24.79 12.03 -8.50
C6 78N F . -24.08 11.35 -7.30
C5 78N F . -24.11 12.30 -6.05
C4 78N F . -23.70 13.71 -6.49
C3 78N F . -22.44 14.18 -5.72
C2 78N F . -22.78 15.45 -4.97
C1 78N F . -21.89 16.49 -4.90
C9 78N F . -20.49 16.42 -5.58
C10 78N F . -19.63 17.57 -5.04
C11 78N F . -18.40 17.79 -5.92
C12 78N F . -18.54 19.14 -6.67
C13 78N F . -17.16 19.77 -6.86
C15 78N F . -15.88 21.56 -8.08
C14 78N F . -17.26 20.89 -7.93
O21 78M G . -23.78 9.80 -16.63
C20 78M G . -23.95 8.99 -15.44
C18 78M G . -24.06 9.86 -14.19
O19 78M G . -23.89 11.19 -14.53
C17 78M G . -23.00 9.48 -13.18
O2 78M G . -22.59 10.65 -12.52
C1 78M G . -21.91 10.47 -11.28
O1 78M G . -22.02 9.41 -10.66
C2 78M G . -21.03 11.61 -10.71
C3 78M G . -20.79 11.38 -9.23
C4 78M G . -19.43 12.05 -8.82
C5 78M G . -19.68 13.07 -7.71
C6 78M G . -18.52 13.06 -6.72
C7 78M G . -17.40 14.02 -7.21
C8 78M G . -16.50 14.54 -6.29
C9 78M G . -15.41 15.46 -6.77
C10 78M G . -14.59 15.94 -5.53
C11 78M G . -13.58 17.06 -5.98
C12 78M G . -13.93 18.39 -5.28
C13 78M G . -12.77 18.80 -4.31
C15 78M G . -10.86 20.43 -4.41
C14 78M G . -12.38 20.27 -4.57
O22 78N H . -19.54 6.50 -20.57
C19 78N H . -18.12 6.75 -20.45
C18 78N H . -17.86 8.24 -20.13
O20 78N H . -19.09 8.88 -19.76
C17 78N H . -16.86 8.34 -19.00
O16 78N H . -15.77 7.50 -19.28
C8 78N H . -14.75 7.47 -18.28
O15 78N H . -14.61 8.42 -17.56
C7 78N H . -13.85 6.26 -18.14
C6 78N H . -12.70 6.54 -17.15
C5 78N H . -12.10 5.19 -16.62
C4 78N H . -10.70 4.95 -17.20
C3 78N H . -9.89 6.26 -17.13
C2 78N H . -8.78 6.14 -16.10
C1 78N H . -7.56 6.69 -16.35
C9 78N H . -7.30 7.43 -17.70
C10 78N H . -6.47 8.68 -17.45
C11 78N H . -7.35 9.93 -17.60
C12 78N H . -6.58 11.02 -18.39
C13 78N H . -7.38 12.32 -18.42
C15 78N H . -8.81 12.05 -20.47
C14 78N H . -8.81 12.06 -18.94
O22 78N I . -0.16 -17.03 -22.82
C19 78N I . 0.82 -17.87 -23.46
C18 78N I . 1.88 -17.04 -24.20
O20 78N I . 1.36 -15.76 -24.56
C17 78N I . 3.09 -16.84 -23.30
O16 78N I . 3.41 -15.47 -23.23
C8 78N I . 4.77 -15.22 -22.91
O15 78N I . 5.61 -15.98 -23.29
C7 78N I . 5.15 -13.99 -22.09
C6 78N I . 6.60 -14.16 -21.61
C5 78N I . 7.57 -13.63 -22.73
C4 78N I . 8.15 -12.30 -22.28
C3 78N I . 9.12 -12.55 -21.11
C2 78N I . 10.48 -11.97 -21.48
C1 78N I . 11.11 -11.12 -20.63
C9 78N I . 10.42 -10.73 -19.28
C10 78N I . 11.51 -10.59 -18.21
C11 78N I . 12.55 -9.59 -18.68
C12 78N I . 13.70 -9.51 -17.64
C13 78N I . 14.83 -10.46 -18.02
C15 78N I . 17.31 -10.22 -17.61
C14 78N I . 15.94 -10.39 -16.95
O22 78N J . -3.30 -21.53 -4.68
C19 78N J . -2.43 -20.39 -4.80
C18 78N J . -2.96 -19.22 -3.96
O20 78N J . -3.79 -19.73 -2.91
C17 78N J . -1.81 -18.46 -3.34
O16 78N J . -2.28 -17.24 -2.81
C8 78N J . -1.96 -17.00 -1.44
O15 78N J . -1.55 -17.88 -0.75
C7 78N J . -2.16 -15.60 -0.88
C6 78N J . -1.54 -15.49 0.52
C5 78N J . -0.23 -14.63 0.44
C4 78N J . 0.47 -14.74 1.79
C3 78N J . 1.98 -14.52 1.70
C2 78N J . 2.63 -15.48 2.68
C1 78N J . 3.51 -15.07 3.62
C9 78N J . 3.96 -13.59 3.79
C10 78N J . 4.60 -13.45 5.17
C11 78N J . 5.68 -12.36 5.13
C12 78N J . 5.21 -11.15 5.99
C13 78N J . 6.17 -9.98 5.80
C15 78N J . 8.54 -10.49 6.46
C14 78N J . 7.19 -9.97 6.96
O22 78N K . -5.23 -25.45 0.78
C19 78N K . -4.35 -24.62 1.58
C18 78N K . -3.07 -24.27 0.80
O20 78N K . -3.09 -24.86 -0.49
C17 78N K . -2.95 -22.75 0.66
O16 78N K . -1.97 -22.26 1.55
C8 78N K . -1.07 -21.33 0.96
O15 78N K . -0.55 -21.60 -0.09
C7 78N K . -0.77 -20.00 1.63
C6 78N K . 0.14 -20.21 2.86
C5 78N K . 0.63 -18.82 3.41
C4 78N K . 1.36 -19.02 4.74
C3 78N K . 2.76 -18.35 4.69
C2 78N K . 3.75 -19.32 4.10
C1 78N K . 5.07 -19.01 3.94
C9 78N K . 5.64 -17.62 4.36
C10 78N K . 7.16 -17.59 4.16
C11 78N K . 7.51 -17.97 2.71
C12 78N K . 8.98 -18.44 2.63
C13 78N K . 9.92 -17.23 2.67
C15 78N K . 12.39 -16.77 2.72
C14 78N K . 11.30 -17.64 2.11
O22 78N L . -11.51 -22.67 8.04
C19 78N L . -10.83 -22.47 9.31
C18 78N L . -11.18 -21.07 9.84
O20 78N L . -11.85 -21.18 11.11
C17 78N L . -9.91 -20.25 10.02
O16 78N L . -9.12 -20.73 11.09
C8 78N L . -8.32 -19.73 11.68
O15 78N L . -8.80 -18.66 11.93
C7 78N L . -6.86 -19.99 12.00
C6 78N L . -6.24 -18.75 12.68
C5 78N L . -4.91 -19.16 13.42
C4 78N L . -5.00 -18.71 14.88
C3 78N L . -3.90 -17.66 15.18
C2 78N L . -3.14 -18.07 16.42
C1 78N L . -2.10 -17.35 16.88
C9 78N L . -1.63 -16.06 16.12
C10 78N L . -0.85 -15.17 17.10
C11 78N L . 0.09 -14.25 16.34
C12 78N L . 0.58 -13.12 17.31
C13 78N L . 1.65 -12.26 16.64
C15 78N L . 3.06 -10.24 17.15
C14 78N L . 2.45 -11.52 17.72
O22 78N M . 23.54 2.10 -5.92
C19 78N M . 23.84 1.66 -7.26
C18 78N M . 24.49 0.25 -7.20
O20 78N M . 25.87 0.38 -6.87
C17 78N M . 23.76 -0.56 -6.14
O16 78N M . 23.87 -1.95 -6.46
C8 78N M . 24.22 -2.76 -5.35
O15 78N M . 24.39 -2.27 -4.28
C7 78N M . 24.40 -4.25 -5.55
C6 78N M . 25.08 -4.53 -6.91
C5 78N M . 25.30 -6.08 -7.08
C4 78N M . 25.05 -6.46 -8.54
C3 78N M . 25.48 -7.92 -8.79
C2 78N M . 26.02 -8.05 -10.20
C1 78N M . 25.45 -8.91 -11.08
C9 78N M . 24.23 -9.77 -10.65
C10 78N M . 22.97 -9.26 -11.35
C11 78N M . 21.73 -9.83 -10.66
C12 78N M . 21.43 -11.25 -11.20
C13 78N M . 19.94 -11.55 -11.04
C15 78N M . 19.46 -13.86 -10.17
C14 78N M . 19.65 -13.01 -11.44
O22 78N N . 29.84 -8.30 14.23
C19 78N N . 29.71 -8.59 12.82
C18 78N N . 28.25 -8.37 12.37
O20 78N N . 28.19 -7.23 11.50
C17 78N N . 27.75 -9.59 11.64
O16 78N N . 26.96 -9.15 10.55
C8 78N N . 26.14 -10.16 10.00
O15 78N N . 26.25 -10.46 8.85
C7 78N N . 25.11 -10.86 10.86
C6 78N N . 24.03 -11.49 9.96
C5 78N N . 22.60 -11.16 10.53
C4 78N N . 21.88 -12.47 10.86
C3 78N N . 20.59 -12.15 11.65
C2 78N N . 19.54 -13.23 11.43
C1 78N N . 18.63 -13.20 10.42
C9 78N N . 18.59 -12.03 9.37
C10 78N N . 17.83 -10.83 9.94
C11 78N N . 16.46 -10.69 9.28
C12 78N N . 15.66 -9.56 10.00
C13 78N N . 14.17 -9.89 9.95
C15 78N N . 12.82 -11.38 8.43
C14 78N N . 13.76 -10.17 8.49
O22 78N O . 32.81 -12.13 11.36
C19 78N O . 31.91 -12.93 10.54
C18 78N O . 30.46 -12.55 10.88
O20 78N O . 30.06 -11.43 10.09
C17 78N O . 29.54 -13.73 10.59
O16 78N O . 28.30 -13.51 11.23
C8 78N O . 27.28 -14.44 10.87
O15 78N O . 26.88 -14.48 9.75
C7 78N O . 26.71 -15.38 11.93
C6 78N O . 25.18 -15.44 11.84
C5 78N O . 24.74 -16.69 11.00
C4 78N O . 23.68 -16.29 9.98
C3 78N O . 22.36 -17.05 10.24
C2 78N O . 21.55 -17.04 8.96
C1 78N O . 20.22 -17.37 8.93
C9 78N O . 19.45 -17.79 10.21
C10 78N O . 17.96 -17.58 9.96
C11 78N O . 17.14 -18.26 11.07
C12 78N O . 15.70 -18.54 10.54
C13 78N O . 15.77 -19.57 9.42
C15 78N O . 15.34 -19.96 6.97
C14 78N O . 15.08 -19.01 8.15
O22 78N P . -13.31 18.53 18.90
C19 78N P . -14.08 19.58 18.24
C18 78N P . -15.56 19.44 18.65
O20 78N P . -15.92 20.53 19.50
C17 78N P . -16.44 19.49 17.41
O16 78N P . -17.78 19.59 17.82
C8 78N P . -18.68 18.86 17.02
O15 78N P . -18.36 17.80 16.58
C7 78N P . -20.06 19.43 16.70
C6 78N P . -20.56 18.82 15.38
C5 78N P . -21.89 18.04 15.66
C4 78N P . -21.82 16.67 14.97
C3 78N P . -23.06 15.82 15.35
C2 78N P . -22.96 14.51 14.60
C1 78N P . -24.04 13.75 14.30
C9 78N P . -25.46 14.22 14.73
C10 78N P . -26.48 13.65 13.73
C11 78N P . -26.99 12.29 14.22
C12 78N P . -28.33 11.99 13.49
C13 78N P . -29.18 11.04 14.33
C15 78N P . -30.69 10.64 12.35
C14 78N P . -30.63 11.09 13.81
N PHE Q . -2.68 5.87 -3.16
CA PHE Q . -1.95 4.69 -2.73
C PHE Q . -0.96 5.01 -1.60
O PHE Q . -0.24 6.01 -1.66
CB PHE Q . -1.20 4.07 -3.91
CG PHE Q . -2.10 3.42 -4.93
CD1 PHE Q . -3.22 2.71 -4.54
CD2 PHE Q . -1.84 3.56 -6.29
CE1 PHE Q . -4.06 2.12 -5.48
CE2 PHE Q . -2.67 2.98 -7.22
CZ PHE Q . -3.78 2.26 -6.81
N ALA R . -0.97 4.18 -0.57
CA ALA R . 0.06 4.20 0.46
C ALA R . 1.36 3.68 -0.13
O ALA R . 2.44 4.17 0.14
CB ALA R . -0.35 3.36 1.66
OXT ALA R . 1.34 2.72 -0.91
#